data_7P70
#
_entry.id   7P70
#
_cell.length_a   54.800
_cell.length_b   60.580
_cell.length_c   140.640
_cell.angle_alpha   90.000
_cell.angle_beta   90.000
_cell.angle_gamma   90.000
#
_symmetry.space_group_name_H-M   'P 21 21 21'
#
loop_
_entity.id
_entity.type
_entity.pdbx_description
1 polymer 'Protein E6'
2 polymer 'Beta-1-syntrophin,Annexin A2'
3 non-polymer 'CALCIUM ION'
4 non-polymer GLYCEROL
5 water water
#
loop_
_entity_poly.entity_id
_entity_poly.type
_entity_poly.pdbx_seq_one_letter_code
_entity_poly.pdbx_strand_id
1 'polypeptide(L)' TDDSKPTRRETEV C
2 'polypeptide(L)'
;GSHMGSNQKRGVKVLKQELGGLGISIKGGKENKMPILISKIFKGLAADQTQALYVGDAILSVNGADLRDATHDEAVQALK
RAGKEVLLEVKYMREGSAYGSVKAYTNFDAERDALNIETAIKTKGVDEVTIVNILTNRSNEQRQDIAFAYQRRTKKELAS
ALKSALSGHLETVILGLLKTPAQYDASELKASMKGLGTDEDSLIEIICSRTNQELQEINRVYKEMYKTDLEKDIISDTSG
DFRKLMVALAKGRRAEDGSVIDYELIDQDARDLYDAGVKRKGTDVPKWISIMTERSVPHLQKVFDRYKSYSPYDMLESIR
KEVKGDLENAFLNLVQCIQNKPLYFADRLYDSMKGKGTRDKVLIRIMVSRSEVDMLKIRSEFKRKYGKSLYYYIQQDTKG
DYQKALLYLCGGDD
;
A
#
loop_
_chem_comp.id
_chem_comp.type
_chem_comp.name
_chem_comp.formula
CA non-polymer 'CALCIUM ION' 'Ca 2'
GOL non-polymer GLYCEROL 'C3 H8 O3'
#
# COMPACT_ATOMS: atom_id res chain seq x y z
N THR A 7 12.60 6.06 21.85
CA THR A 7 12.69 4.94 22.78
C THR A 7 11.87 3.75 22.32
N ARG A 8 12.53 2.72 21.79
CA ARG A 8 11.89 1.45 21.49
C ARG A 8 11.78 0.55 22.72
N ARG A 9 11.41 1.13 23.86
CA ARG A 9 11.45 0.43 25.14
C ARG A 9 10.31 -0.57 25.24
N GLU A 10 10.66 -1.84 25.43
CA GLU A 10 9.70 -2.91 25.66
C GLU A 10 9.80 -3.37 27.11
N THR A 11 8.67 -3.84 27.63
CA THR A 11 8.63 -4.44 28.97
C THR A 11 7.68 -5.62 28.93
N GLU A 12 8.13 -6.76 29.46
CA GLU A 12 7.28 -7.94 29.54
C GLU A 12 6.36 -7.83 30.74
N VAL A 13 5.10 -8.19 30.54
CA VAL A 13 4.10 -8.20 31.61
C VAL A 13 3.17 -9.40 31.45
N GLN B 8 -12.68 0.25 16.98
CA GLN B 8 -13.68 -0.57 17.66
C GLN B 8 -13.17 -1.07 19.01
N LYS B 9 -13.58 -0.40 20.09
CA LYS B 9 -13.24 -0.84 21.43
C LYS B 9 -13.85 -2.21 21.70
N ARG B 10 -13.02 -3.13 22.20
CA ARG B 10 -13.47 -4.47 22.50
C ARG B 10 -12.84 -4.93 23.81
N GLY B 11 -13.50 -5.88 24.47
CA GLY B 11 -13.07 -6.39 25.76
C GLY B 11 -12.54 -7.82 25.64
N VAL B 12 -11.40 -8.06 26.26
CA VAL B 12 -10.75 -9.37 26.23
C VAL B 12 -10.40 -9.75 27.66
N LYS B 13 -10.78 -10.96 28.06
CA LYS B 13 -10.47 -11.49 29.39
C LYS B 13 -9.29 -12.44 29.28
N VAL B 14 -8.23 -12.14 30.02
CA VAL B 14 -7.00 -12.94 30.02
C VAL B 14 -6.77 -13.46 31.43
N LEU B 15 -6.41 -14.73 31.53
CA LEU B 15 -6.09 -15.36 32.80
C LEU B 15 -4.58 -15.48 32.92
N LYS B 16 -3.98 -14.71 33.84
CA LYS B 16 -2.54 -14.73 34.02
C LYS B 16 -2.05 -16.13 34.42
N GLN B 17 -0.89 -16.49 33.91
CA GLN B 17 -0.19 -17.71 34.30
C GLN B 17 1.11 -17.32 35.00
N GLU B 18 1.57 -18.19 35.91
CA GLU B 18 2.74 -17.84 36.70
C GLU B 18 4.01 -17.75 35.86
N LEU B 19 3.99 -18.26 34.63
CA LEU B 19 5.11 -18.15 33.70
C LEU B 19 4.72 -17.16 32.61
N GLY B 20 5.27 -15.94 32.69
CA GLY B 20 5.02 -14.91 31.71
C GLY B 20 3.97 -13.90 32.12
N GLY B 21 3.10 -14.23 33.07
CA GLY B 21 2.03 -13.34 33.45
C GLY B 21 0.95 -13.24 32.38
N LEU B 22 0.80 -12.05 31.80
CA LEU B 22 -0.10 -11.90 30.66
C LEU B 22 0.48 -12.53 29.40
N GLY B 23 1.79 -12.76 29.35
CA GLY B 23 2.42 -13.30 28.17
C GLY B 23 2.54 -12.31 27.03
N ILE B 24 2.64 -11.02 27.35
CA ILE B 24 2.79 -9.98 26.34
C ILE B 24 3.97 -9.09 26.70
N SER B 25 4.36 -8.27 25.74
CA SER B 25 5.23 -7.13 25.96
C SER B 25 4.52 -5.89 25.46
N ILE B 26 4.82 -4.74 26.08
CA ILE B 26 4.17 -3.49 25.72
C ILE B 26 5.22 -2.46 25.31
N LYS B 27 4.80 -1.50 24.49
CA LYS B 27 5.66 -0.39 24.08
C LYS B 27 4.98 0.93 24.39
N GLY B 28 5.80 1.96 24.52
CA GLY B 28 5.30 3.32 24.54
C GLY B 28 5.05 3.97 25.88
N GLY B 29 4.02 4.80 25.95
CA GLY B 29 3.66 5.67 27.03
C GLY B 29 3.58 7.12 26.56
N LYS B 30 3.07 7.98 27.45
CA LYS B 30 2.94 9.38 27.07
C LYS B 30 4.29 10.05 26.92
N GLU B 31 5.31 9.57 27.63
CA GLU B 31 6.65 10.14 27.48
C GLU B 31 7.27 9.78 26.14
N ASN B 32 6.71 8.81 25.42
CA ASN B 32 7.06 8.52 24.05
C ASN B 32 6.00 9.02 23.07
N LYS B 33 5.05 9.81 23.55
CA LYS B 33 3.95 10.35 22.74
C LYS B 33 3.25 9.22 21.97
N MET B 34 3.01 8.12 22.65
N MET B 34 3.01 8.12 22.65
CA MET B 34 2.38 6.93 22.09
CA MET B 34 2.38 6.93 22.09
C MET B 34 1.34 6.40 23.07
C MET B 34 1.34 6.40 23.07
N PRO B 35 0.35 5.68 22.58
CA PRO B 35 -0.58 4.98 23.48
C PRO B 35 0.00 3.62 23.88
N ILE B 36 -0.46 3.09 25.01
CA ILE B 36 0.12 1.83 25.49
C ILE B 36 -0.21 0.73 24.49
N LEU B 37 0.84 0.15 23.88
CA LEU B 37 0.68 -0.72 22.73
C LEU B 37 1.28 -2.09 22.98
N ILE B 38 0.53 -3.14 22.63
CA ILE B 38 1.04 -4.50 22.70
C ILE B 38 2.09 -4.69 21.60
N SER B 39 3.31 -4.99 22.00
CA SER B 39 4.41 -5.19 21.05
C SER B 39 4.64 -6.65 20.71
N LYS B 40 4.55 -7.54 21.68
CA LYS B 40 4.74 -8.97 21.44
C LYS B 40 3.64 -9.75 22.13
N ILE B 41 3.32 -10.91 21.57
CA ILE B 41 2.40 -11.87 22.16
C ILE B 41 3.11 -13.22 22.12
N PHE B 42 3.62 -13.67 23.26
CA PHE B 42 4.46 -14.86 23.30
C PHE B 42 3.66 -16.11 22.98
N LYS B 43 4.21 -16.94 22.10
CA LYS B 43 3.54 -18.16 21.68
C LYS B 43 3.39 -19.12 22.85
N GLY B 44 2.16 -19.56 23.10
CA GLY B 44 1.88 -20.53 24.13
C GLY B 44 1.63 -19.98 25.52
N LEU B 45 1.48 -18.66 25.66
CA LEU B 45 1.26 -18.05 26.96
C LEU B 45 -0.19 -17.58 27.07
N ALA B 46 -0.47 -16.80 28.12
CA ALA B 46 -1.84 -16.48 28.50
C ALA B 46 -2.57 -15.74 27.37
N ALA B 47 -2.02 -14.62 26.93
CA ALA B 47 -2.72 -13.82 25.93
C ALA B 47 -2.78 -14.53 24.57
N ASP B 48 -1.84 -15.42 24.31
CA ASP B 48 -1.88 -16.18 23.06
C ASP B 48 -3.09 -17.10 23.02
N GLN B 49 -3.38 -17.78 24.13
CA GLN B 49 -4.47 -18.76 24.15
C GLN B 49 -5.84 -18.11 24.05
N THR B 50 -5.95 -16.81 24.32
CA THR B 50 -7.23 -16.14 24.13
C THR B 50 -7.57 -16.01 22.65
N GLN B 51 -6.56 -15.87 21.79
CA GLN B 51 -6.74 -15.66 20.36
C GLN B 51 -7.62 -14.45 20.07
N ALA B 52 -7.61 -13.47 20.99
CA ALA B 52 -8.44 -12.27 20.85
C ALA B 52 -7.63 -10.98 20.79
N LEU B 53 -6.33 -11.03 21.04
CA LEU B 53 -5.49 -9.85 21.05
C LEU B 53 -4.49 -9.93 19.89
N TYR B 54 -4.21 -8.78 19.29
CA TYR B 54 -3.28 -8.70 18.17
C TYR B 54 -2.20 -7.67 18.49
N VAL B 55 -0.99 -7.94 17.99
CA VAL B 55 0.08 -6.95 18.10
C VAL B 55 -0.36 -5.66 17.43
N GLY B 56 -0.11 -4.54 18.10
CA GLY B 56 -0.60 -3.25 17.66
C GLY B 56 -1.86 -2.80 18.36
N ASP B 57 -2.39 -3.60 19.29
CA ASP B 57 -3.53 -3.19 20.08
C ASP B 57 -3.12 -2.15 21.11
N ALA B 58 -3.99 -1.17 21.31
CA ALA B 58 -3.81 -0.15 22.34
C ALA B 58 -4.60 -0.56 23.57
N ILE B 59 -3.93 -0.71 24.70
CA ILE B 59 -4.59 -1.05 25.95
C ILE B 59 -5.12 0.24 26.58
N LEU B 60 -6.44 0.37 26.65
CA LEU B 60 -7.04 1.58 27.18
C LEU B 60 -7.33 1.50 28.67
N SER B 61 -7.62 0.31 29.19
CA SER B 61 -7.89 0.14 30.61
C SER B 61 -7.57 -1.29 31.03
N VAL B 62 -7.31 -1.46 32.31
CA VAL B 62 -7.04 -2.76 32.92
C VAL B 62 -7.87 -2.85 34.18
N ASN B 63 -8.93 -3.68 34.14
CA ASN B 63 -9.85 -3.83 35.26
C ASN B 63 -10.36 -2.47 35.73
N GLY B 64 -10.71 -1.60 34.78
CA GLY B 64 -11.26 -0.30 35.06
C GLY B 64 -10.24 0.82 35.18
N ALA B 65 -8.96 0.50 35.35
CA ALA B 65 -7.91 1.51 35.50
C ALA B 65 -7.54 2.06 34.12
N ASP B 66 -7.87 3.33 33.88
CA ASP B 66 -7.64 3.93 32.58
C ASP B 66 -6.15 4.07 32.29
N LEU B 67 -5.76 3.74 31.05
CA LEU B 67 -4.36 3.82 30.63
C LEU B 67 -4.15 4.73 29.44
N ARG B 68 -5.15 5.54 29.06
CA ARG B 68 -5.04 6.32 27.83
C ARG B 68 -3.94 7.37 27.93
N ASP B 69 -3.77 7.98 29.10
CA ASP B 69 -2.73 8.96 29.32
C ASP B 69 -1.69 8.46 30.33
N ALA B 70 -1.44 7.16 30.35
CA ALA B 70 -0.48 6.56 31.25
C ALA B 70 0.90 6.52 30.62
N THR B 71 1.92 6.71 31.44
CA THR B 71 3.29 6.51 31.00
C THR B 71 3.57 5.01 30.85
N HIS B 72 4.79 4.70 30.43
CA HIS B 72 5.19 3.30 30.34
C HIS B 72 5.18 2.64 31.71
N ASP B 73 5.85 3.25 32.69
CA ASP B 73 5.93 2.66 34.02
C ASP B 73 4.54 2.57 34.66
N GLU B 74 3.71 3.60 34.45
CA GLU B 74 2.36 3.55 35.01
C GLU B 74 1.58 2.35 34.47
N ALA B 75 1.71 2.06 33.17
CA ALA B 75 1.01 0.93 32.60
C ALA B 75 1.61 -0.39 33.09
N VAL B 76 2.94 -0.47 33.16
CA VAL B 76 3.59 -1.69 33.65
C VAL B 76 3.08 -2.03 35.05
N GLN B 77 3.10 -1.05 35.95
CA GLN B 77 2.64 -1.29 37.32
C GLN B 77 1.18 -1.69 37.35
N ALA B 78 0.35 -1.06 36.51
CA ALA B 78 -1.06 -1.42 36.47
C ALA B 78 -1.26 -2.83 35.91
N LEU B 79 -0.47 -3.20 34.91
CA LEU B 79 -0.58 -4.53 34.32
C LEU B 79 0.00 -5.62 35.21
N LYS B 80 1.04 -5.31 35.98
CA LYS B 80 1.63 -6.31 36.86
C LYS B 80 0.82 -6.53 38.12
N ARG B 81 0.11 -5.41 38.55
CA ARG B 81 -0.67 -5.49 39.80
C ARG B 81 -1.94 -6.30 39.61
N ALA B 82 -2.53 -6.30 38.45
CA ALA B 82 -3.84 -6.89 38.22
C ALA B 82 -3.83 -8.38 38.56
N GLY B 83 -4.90 -8.84 39.21
CA GLY B 83 -5.02 -10.21 39.65
C GLY B 83 -5.04 -11.23 38.55
N LYS B 84 -5.35 -12.48 38.90
CA LYS B 84 -5.32 -13.58 37.92
C LYS B 84 -6.18 -13.25 36.70
N GLU B 85 -7.48 -12.99 36.92
CA GLU B 85 -8.38 -12.62 35.85
C GLU B 85 -8.20 -11.14 35.52
N VAL B 86 -7.97 -10.85 34.25
CA VAL B 86 -7.70 -9.49 33.79
C VAL B 86 -8.64 -9.20 32.62
N LEU B 87 -9.34 -8.07 32.70
CA LEU B 87 -10.18 -7.59 31.61
C LEU B 87 -9.47 -6.42 30.94
N LEU B 88 -9.09 -6.61 29.68
CA LEU B 88 -8.45 -5.57 28.89
C LEU B 88 -9.46 -4.95 27.94
N GLU B 89 -9.54 -3.63 27.92
CA GLU B 89 -10.25 -2.89 26.88
C GLU B 89 -9.21 -2.44 25.85
N VAL B 90 -9.23 -3.07 24.70
CA VAL B 90 -8.21 -2.78 23.66
C VAL B 90 -8.85 -2.15 22.42
N LYS B 91 -8.05 -1.55 21.56
CA LYS B 91 -8.54 -0.94 20.30
C LYS B 91 -7.37 -0.96 19.31
N TYR B 92 -7.45 -1.81 18.28
CA TYR B 92 -6.40 -1.86 17.23
C TYR B 92 -6.18 -0.45 16.70
N MET B 93 -5.01 0.12 16.94
CA MET B 93 -4.75 1.52 16.52
C MET B 93 -3.75 1.49 15.36
N ARG B 94 -3.50 0.30 14.81
CA ARG B 94 -2.63 0.22 13.64
C ARG B 94 -3.43 0.65 12.40
N GLU B 95 -2.98 1.74 11.76
CA GLU B 95 -3.70 2.26 10.61
C GLU B 95 -3.63 1.27 9.44
N GLY B 96 -4.73 1.18 8.71
CA GLY B 96 -4.79 0.33 7.54
C GLY B 96 -5.96 0.74 6.68
N SER B 97 -6.29 -0.11 5.71
CA SER B 97 -7.39 0.15 4.81
C SER B 97 -8.43 -0.97 4.94
N ALA B 98 -9.70 -0.58 4.92
CA ALA B 98 -10.80 -1.53 4.92
C ALA B 98 -11.21 -1.94 3.50
N TYR B 99 -10.55 -1.41 2.47
CA TYR B 99 -10.94 -1.65 1.09
C TYR B 99 -9.94 -2.51 0.33
N GLY B 100 -8.98 -3.11 1.02
CA GLY B 100 -8.16 -4.12 0.37
C GLY B 100 -8.89 -5.43 0.24
N SER B 101 -8.47 -6.23 -0.74
CA SER B 101 -9.05 -7.56 -0.93
C SER B 101 -8.34 -8.62 -0.11
N VAL B 102 -7.04 -8.45 0.15
CA VAL B 102 -6.27 -9.39 0.95
C VAL B 102 -6.36 -8.96 2.41
N LYS B 103 -6.94 -9.82 3.24
CA LYS B 103 -7.06 -9.58 4.66
C LYS B 103 -6.05 -10.44 5.41
N ALA B 104 -5.90 -10.15 6.70
CA ALA B 104 -5.04 -10.97 7.54
C ALA B 104 -5.66 -12.34 7.75
N TYR B 105 -4.86 -13.38 7.56
CA TYR B 105 -5.29 -14.74 7.85
C TYR B 105 -5.54 -14.90 9.35
N THR B 106 -6.67 -15.53 9.70
CA THR B 106 -7.17 -15.52 11.07
C THR B 106 -6.63 -16.66 11.93
N ASN B 107 -5.87 -17.60 11.37
CA ASN B 107 -5.22 -18.64 12.15
C ASN B 107 -3.74 -18.71 11.80
N PHE B 108 -3.07 -17.57 11.90
CA PHE B 108 -1.73 -17.44 11.35
C PHE B 108 -0.68 -18.09 12.25
N ASP B 109 0.17 -18.91 11.64
CA ASP B 109 1.31 -19.55 12.32
C ASP B 109 2.48 -19.45 11.37
N ALA B 110 3.36 -18.48 11.61
CA ALA B 110 4.46 -18.22 10.68
C ALA B 110 5.39 -19.41 10.55
N GLU B 111 5.61 -20.15 11.65
CA GLU B 111 6.47 -21.33 11.59
C GLU B 111 5.84 -22.44 10.76
N ARG B 112 4.54 -22.69 10.97
CA ARG B 112 3.86 -23.73 10.21
C ARG B 112 3.84 -23.40 8.72
N ASP B 113 3.57 -22.13 8.38
CA ASP B 113 3.60 -21.73 6.97
C ASP B 113 4.99 -21.89 6.39
N ALA B 114 6.02 -21.45 7.13
CA ALA B 114 7.38 -21.60 6.65
C ALA B 114 7.73 -23.06 6.42
N LEU B 115 7.33 -23.94 7.34
CA LEU B 115 7.60 -25.36 7.20
C LEU B 115 6.86 -25.94 6.00
N ASN B 116 5.60 -25.56 5.82
CA ASN B 116 4.83 -26.07 4.68
C ASN B 116 5.35 -25.51 3.37
N ILE B 117 5.86 -24.28 3.36
CA ILE B 117 6.44 -23.73 2.13
C ILE B 117 7.75 -24.44 1.80
N GLU B 118 8.55 -24.76 2.82
CA GLU B 118 9.75 -25.55 2.58
C GLU B 118 9.40 -26.91 1.98
N THR B 119 8.39 -27.58 2.55
CA THR B 119 7.95 -28.85 2.00
C THR B 119 7.48 -28.70 0.55
N ALA B 120 6.74 -27.62 0.26
CA ALA B 120 6.25 -27.39 -1.09
C ALA B 120 7.40 -27.18 -2.07
N ILE B 121 8.46 -26.48 -1.64
CA ILE B 121 9.58 -26.22 -2.52
C ILE B 121 10.38 -27.49 -2.79
N LYS B 122 10.55 -28.33 -1.77
CA LYS B 122 11.39 -29.53 -1.90
C LYS B 122 10.68 -30.68 -2.59
N THR B 123 9.34 -30.68 -2.63
CA THR B 123 8.59 -31.74 -3.27
C THR B 123 8.93 -31.81 -4.76
N LYS B 124 8.96 -33.03 -5.29
CA LYS B 124 9.22 -33.26 -6.70
C LYS B 124 8.31 -32.41 -7.58
N GLY B 125 8.91 -31.68 -8.52
CA GLY B 125 8.16 -30.83 -9.41
C GLY B 125 7.70 -29.52 -8.80
N VAL B 126 7.90 -29.32 -7.49
CA VAL B 126 7.47 -28.13 -6.76
C VAL B 126 5.96 -28.07 -6.66
N ASP B 127 5.45 -27.85 -5.45
CA ASP B 127 4.02 -27.73 -5.21
C ASP B 127 3.64 -26.25 -5.24
N GLU B 128 3.44 -25.74 -6.45
CA GLU B 128 3.08 -24.32 -6.61
C GLU B 128 1.73 -24.00 -6.01
N VAL B 129 0.79 -24.95 -6.04
CA VAL B 129 -0.55 -24.72 -5.52
C VAL B 129 -0.48 -24.33 -4.04
N THR B 130 0.28 -25.09 -3.26
CA THR B 130 0.43 -24.77 -1.84
C THR B 130 1.13 -23.43 -1.63
N ILE B 131 2.17 -23.15 -2.42
CA ILE B 131 2.89 -21.89 -2.29
C ILE B 131 1.94 -20.73 -2.58
N VAL B 132 1.14 -20.85 -3.64
CA VAL B 132 0.18 -19.80 -4.00
C VAL B 132 -0.92 -19.71 -2.95
N ASN B 133 -1.45 -20.85 -2.53
CA ASN B 133 -2.56 -20.85 -1.58
C ASN B 133 -2.17 -20.19 -0.26
N ILE B 134 -0.89 -20.22 0.10
CA ILE B 134 -0.43 -19.63 1.35
C ILE B 134 -0.15 -18.14 1.15
N LEU B 135 0.80 -17.82 0.26
CA LEU B 135 1.31 -16.45 0.20
C LEU B 135 0.26 -15.45 -0.28
N THR B 136 -0.63 -15.85 -1.20
CA THR B 136 -1.66 -14.93 -1.65
C THR B 136 -2.81 -14.78 -0.65
N ASN B 137 -2.82 -15.58 0.42
CA ASN B 137 -3.85 -15.49 1.45
C ASN B 137 -3.24 -15.13 2.80
N ARG B 138 -2.15 -14.37 2.79
CA ARG B 138 -1.58 -13.75 3.97
C ARG B 138 -1.36 -12.28 3.69
N SER B 139 -1.51 -11.46 4.71
CA SER B 139 -1.19 -10.04 4.56
C SER B 139 0.31 -9.87 4.34
N ASN B 140 0.70 -8.69 3.84
CA ASN B 140 2.11 -8.44 3.59
C ASN B 140 2.93 -8.52 4.87
N GLU B 141 2.38 -8.04 5.99
CA GLU B 141 3.07 -8.16 7.26
C GLU B 141 3.26 -9.61 7.66
N GLN B 142 2.24 -10.44 7.42
CA GLN B 142 2.36 -11.86 7.74
C GLN B 142 3.40 -12.54 6.86
N ARG B 143 3.53 -12.11 5.59
CA ARG B 143 4.56 -12.68 4.72
C ARG B 143 5.95 -12.39 5.26
N GLN B 144 6.16 -11.19 5.80
CA GLN B 144 7.47 -10.87 6.37
C GLN B 144 7.79 -11.77 7.55
N ASP B 145 6.78 -12.12 8.35
CA ASP B 145 6.99 -13.04 9.45
C ASP B 145 7.27 -14.45 8.93
N ILE B 146 6.59 -14.87 7.86
CA ILE B 146 6.90 -16.15 7.24
C ILE B 146 8.34 -16.16 6.72
N ALA B 147 8.76 -15.07 6.07
CA ALA B 147 10.13 -14.98 5.58
C ALA B 147 11.13 -15.08 6.73
N PHE B 148 10.80 -14.44 7.86
CA PHE B 148 11.69 -14.51 9.02
C PHE B 148 11.80 -15.94 9.54
N ALA B 149 10.66 -16.60 9.76
CA ALA B 149 10.69 -17.96 10.28
C ALA B 149 11.32 -18.93 9.29
N TYR B 150 11.14 -18.69 8.00
CA TYR B 150 11.77 -19.55 6.99
C TYR B 150 13.29 -19.50 7.10
N GLN B 151 13.84 -18.29 7.19
CA GLN B 151 15.29 -18.15 7.33
C GLN B 151 15.77 -18.76 8.64
N ARG B 152 14.96 -18.67 9.70
CA ARG B 152 15.37 -19.22 10.99
C ARG B 152 15.43 -20.75 10.94
N ARG B 153 14.47 -21.39 10.28
CA ARG B 153 14.41 -22.85 10.25
C ARG B 153 15.33 -23.45 9.19
N THR B 154 15.32 -22.93 7.97
CA THR B 154 16.08 -23.52 6.88
C THR B 154 17.47 -22.94 6.72
N LYS B 155 17.76 -21.80 7.37
CA LYS B 155 19.00 -21.05 7.24
C LYS B 155 19.21 -20.49 5.84
N LYS B 156 18.13 -20.34 5.07
CA LYS B 156 18.18 -19.76 3.73
C LYS B 156 17.09 -18.71 3.59
N GLU B 157 17.36 -17.68 2.79
CA GLU B 157 16.37 -16.64 2.54
C GLU B 157 15.20 -17.19 1.73
N LEU B 158 13.98 -16.81 2.11
CA LEU B 158 12.79 -17.33 1.44
C LEU B 158 12.71 -16.85 -0.01
N ALA B 159 12.99 -15.57 -0.26
CA ALA B 159 12.84 -15.02 -1.60
C ALA B 159 13.77 -15.73 -2.59
N SER B 160 15.00 -16.02 -2.18
CA SER B 160 15.91 -16.73 -3.07
C SER B 160 15.41 -18.15 -3.34
N ALA B 161 14.93 -18.84 -2.31
CA ALA B 161 14.42 -20.20 -2.50
C ALA B 161 13.26 -20.23 -3.49
N LEU B 162 12.35 -19.25 -3.39
CA LEU B 162 11.20 -19.22 -4.29
C LEU B 162 11.61 -18.81 -5.70
N LYS B 163 12.62 -17.97 -5.84
CA LYS B 163 13.08 -17.62 -7.19
C LYS B 163 13.63 -18.85 -7.92
N SER B 164 14.32 -19.73 -7.20
CA SER B 164 14.80 -20.96 -7.82
C SER B 164 13.65 -21.91 -8.14
N ALA B 165 12.67 -22.01 -7.23
CA ALA B 165 11.60 -22.98 -7.41
C ALA B 165 10.62 -22.55 -8.49
N LEU B 166 10.39 -21.24 -8.63
CA LEU B 166 9.35 -20.73 -9.51
C LEU B 166 9.96 -20.14 -10.78
N SER B 167 9.09 -19.89 -11.76
CA SER B 167 9.51 -19.30 -13.03
C SER B 167 8.31 -18.58 -13.64
N GLY B 168 8.60 -17.83 -14.71
CA GLY B 168 7.56 -17.19 -15.49
C GLY B 168 6.85 -16.10 -14.70
N HIS B 169 5.59 -15.84 -15.10
CA HIS B 169 4.83 -14.79 -14.45
C HIS B 169 4.54 -15.12 -12.99
N LEU B 170 4.39 -16.40 -12.67
CA LEU B 170 4.14 -16.79 -11.28
C LEU B 170 5.27 -16.32 -10.38
N GLU B 171 6.52 -16.49 -10.81
CA GLU B 171 7.65 -15.98 -10.04
C GLU B 171 7.55 -14.48 -9.85
N THR B 172 7.13 -13.75 -10.88
CA THR B 172 7.03 -12.29 -10.77
C THR B 172 6.01 -11.89 -9.72
N VAL B 173 4.86 -12.56 -9.70
CA VAL B 173 3.82 -12.25 -8.70
C VAL B 173 4.31 -12.59 -7.31
N ILE B 174 4.84 -13.79 -7.11
CA ILE B 174 5.22 -14.25 -5.78
C ILE B 174 6.36 -13.39 -5.22
N LEU B 175 7.38 -13.11 -6.04
CA LEU B 175 8.47 -12.28 -5.55
C LEU B 175 8.02 -10.86 -5.25
N GLY B 176 7.07 -10.34 -6.03
CA GLY B 176 6.54 -9.02 -5.73
C GLY B 176 5.77 -8.99 -4.42
N LEU B 177 5.01 -10.06 -4.14
CA LEU B 177 4.24 -10.13 -2.90
C LEU B 177 5.14 -10.18 -1.67
N LEU B 178 6.37 -10.68 -1.83
CA LEU B 178 7.25 -10.85 -0.68
C LEU B 178 7.91 -9.55 -0.25
N LYS B 179 7.98 -8.56 -1.13
CA LYS B 179 8.56 -7.28 -0.77
C LYS B 179 7.55 -6.45 0.01
N THR B 180 8.06 -5.62 0.93
CA THR B 180 7.21 -4.64 1.58
C THR B 180 6.68 -3.67 0.52
N PRO B 181 5.58 -2.97 0.82
CA PRO B 181 5.04 -2.03 -0.19
C PRO B 181 6.06 -1.02 -0.69
N ALA B 182 6.84 -0.40 0.20
CA ALA B 182 7.85 0.56 -0.24
C ALA B 182 8.96 -0.14 -1.03
N GLN B 183 9.36 -1.34 -0.60
CA GLN B 183 10.39 -2.07 -1.35
C GLN B 183 9.93 -2.39 -2.76
N TYR B 184 8.67 -2.79 -2.91
CA TYR B 184 8.16 -3.16 -4.23
C TYR B 184 8.14 -1.94 -5.15
N ASP B 185 7.59 -0.83 -4.67
CA ASP B 185 7.56 0.39 -5.48
C ASP B 185 8.96 0.88 -5.82
N ALA B 186 9.88 0.85 -4.85
CA ALA B 186 11.26 1.25 -5.12
C ALA B 186 11.89 0.38 -6.20
N SER B 187 11.71 -0.94 -6.10
CA SER B 187 12.29 -1.82 -7.10
C SER B 187 11.60 -1.69 -8.45
N GLU B 188 10.31 -1.39 -8.47
CA GLU B 188 9.63 -1.14 -9.73
C GLU B 188 10.10 0.18 -10.35
N LEU B 189 10.36 1.19 -9.52
CA LEU B 189 10.90 2.45 -10.03
C LEU B 189 12.30 2.25 -10.60
N LYS B 190 13.15 1.53 -9.88
CA LYS B 190 14.49 1.23 -10.37
C LYS B 190 14.42 0.47 -11.70
N ALA B 191 13.48 -0.46 -11.82
CA ALA B 191 13.37 -1.24 -13.05
C ALA B 191 12.96 -0.37 -14.24
N SER B 192 12.12 0.65 -14.00
CA SER B 192 11.68 1.52 -15.06
C SER B 192 12.77 2.47 -15.55
N MET B 193 13.88 2.59 -14.83
CA MET B 193 15.00 3.45 -15.21
C MET B 193 16.27 2.63 -15.38
N LYS B 194 16.15 1.45 -15.98
CA LYS B 194 17.27 0.53 -16.17
C LYS B 194 17.55 0.38 -17.66
N GLY B 195 18.84 0.33 -18.00
CA GLY B 195 19.23 0.16 -19.38
C GLY B 195 19.21 1.46 -20.17
N LEU B 196 19.30 1.31 -21.49
CA LEU B 196 19.35 2.49 -22.36
C LEU B 196 18.02 3.23 -22.37
N GLY B 197 16.91 2.50 -22.37
CA GLY B 197 15.60 3.11 -22.44
C GLY B 197 15.01 3.42 -21.09
N THR B 198 13.83 4.02 -21.12
CA THR B 198 13.08 4.36 -19.92
C THR B 198 11.63 3.93 -20.09
N ASP B 199 11.08 3.30 -19.06
CA ASP B 199 9.68 2.91 -19.04
C ASP B 199 8.89 4.03 -18.38
N GLU B 200 8.61 5.08 -19.17
CA GLU B 200 7.90 6.24 -18.63
C GLU B 200 6.50 5.87 -18.16
N ASP B 201 5.86 4.89 -18.80
CA ASP B 201 4.50 4.52 -18.39
C ASP B 201 4.48 3.99 -16.96
N SER B 202 5.43 3.12 -16.61
CA SER B 202 5.48 2.58 -15.26
C SER B 202 5.95 3.64 -14.27
N LEU B 203 6.93 4.45 -14.66
CA LEU B 203 7.35 5.57 -13.82
C LEU B 203 6.18 6.49 -13.50
N ILE B 204 5.37 6.80 -14.52
CA ILE B 204 4.23 7.70 -14.31
C ILE B 204 3.19 7.05 -13.40
N GLU B 205 2.90 5.77 -13.62
CA GLU B 205 1.85 5.10 -12.85
C GLU B 205 2.11 5.16 -11.35
N ILE B 206 3.36 4.93 -10.94
CA ILE B 206 3.68 4.89 -9.52
C ILE B 206 3.73 6.31 -8.95
N ILE B 207 4.47 7.21 -9.60
CA ILE B 207 4.67 8.55 -9.05
C ILE B 207 3.36 9.32 -9.00
N CYS B 208 2.50 9.15 -10.00
CA CYS B 208 1.25 9.90 -10.02
C CYS B 208 0.20 9.36 -9.06
N SER B 209 0.31 8.11 -8.63
CA SER B 209 -0.76 7.52 -7.82
C SER B 209 -0.42 7.39 -6.35
N ARG B 210 0.85 7.54 -5.97
CA ARG B 210 1.24 7.32 -4.59
C ARG B 210 1.00 8.57 -3.76
N THR B 211 0.61 8.37 -2.50
CA THR B 211 0.31 9.47 -1.59
C THR B 211 1.58 10.00 -0.94
N ASN B 212 1.44 11.08 -0.19
CA ASN B 212 2.58 11.68 0.53
C ASN B 212 3.26 10.66 1.43
N GLN B 213 2.47 9.96 2.25
CA GLN B 213 3.04 9.01 3.19
C GLN B 213 3.74 7.87 2.46
N GLU B 214 3.13 7.38 1.38
CA GLU B 214 3.74 6.30 0.61
C GLU B 214 5.04 6.75 -0.04
N LEU B 215 5.06 7.98 -0.57
CA LEU B 215 6.26 8.49 -1.23
C LEU B 215 7.38 8.77 -0.23
N GLN B 216 7.04 9.22 0.98
CA GLN B 216 8.07 9.42 1.99
C GLN B 216 8.81 8.12 2.26
N GLU B 217 8.08 7.01 2.32
CA GLU B 217 8.72 5.72 2.59
C GLU B 217 9.49 5.22 1.38
N ILE B 218 8.96 5.43 0.18
CA ILE B 218 9.67 5.04 -1.03
C ILE B 218 11.01 5.77 -1.12
N ASN B 219 10.99 7.09 -0.89
CA ASN B 219 12.22 7.87 -0.97
C ASN B 219 13.27 7.36 0.00
N ARG B 220 12.85 6.99 1.21
CA ARG B 220 13.80 6.47 2.19
C ARG B 220 14.31 5.09 1.78
N VAL B 221 13.40 4.19 1.39
CA VAL B 221 13.80 2.82 1.09
C VAL B 221 14.62 2.78 -0.20
N TYR B 222 14.29 3.63 -1.17
CA TYR B 222 15.03 3.67 -2.43
C TYR B 222 16.51 3.96 -2.18
N LYS B 223 16.79 4.97 -1.36
CA LYS B 223 18.18 5.29 -1.07
C LYS B 223 18.86 4.16 -0.30
N GLU B 224 18.12 3.50 0.61
CA GLU B 224 18.69 2.38 1.34
C GLU B 224 19.04 1.22 0.40
N MET B 225 18.22 1.00 -0.62
CA MET B 225 18.42 -0.15 -1.50
C MET B 225 19.48 0.13 -2.56
N TYR B 226 19.48 1.33 -3.14
CA TYR B 226 20.30 1.61 -4.31
C TYR B 226 21.35 2.69 -4.07
N LYS B 227 21.54 3.11 -2.83
CA LYS B 227 22.62 4.03 -2.45
C LYS B 227 22.60 5.32 -3.25
N THR B 228 21.43 5.72 -3.74
CA THR B 228 21.27 6.96 -4.46
C THR B 228 19.85 7.45 -4.26
N ASP B 229 19.67 8.77 -4.35
CA ASP B 229 18.34 9.35 -4.17
C ASP B 229 17.47 9.07 -5.39
N LEU B 230 16.19 8.79 -5.11
CA LEU B 230 15.23 8.56 -6.19
C LEU B 230 15.15 9.77 -7.12
N GLU B 231 15.17 10.98 -6.55
CA GLU B 231 15.07 12.18 -7.37
C GLU B 231 16.24 12.28 -8.35
N LYS B 232 17.43 11.88 -7.92
CA LYS B 232 18.60 11.94 -8.80
C LYS B 232 18.46 10.97 -9.96
N ASP B 233 17.93 9.78 -9.72
CA ASP B 233 17.72 8.84 -10.82
C ASP B 233 16.64 9.33 -11.76
N ILE B 234 15.59 9.97 -11.23
CA ILE B 234 14.57 10.56 -12.08
C ILE B 234 15.18 11.64 -12.97
N ILE B 235 16.04 12.48 -12.41
CA ILE B 235 16.66 13.55 -13.17
C ILE B 235 17.53 12.98 -14.30
N SER B 236 18.17 11.84 -14.04
CA SER B 236 19.05 11.25 -15.06
C SER B 236 18.24 10.68 -16.23
N ASP B 237 17.04 10.18 -15.98
CA ASP B 237 16.29 9.43 -16.97
C ASP B 237 15.14 10.21 -17.59
N THR B 238 14.94 11.47 -17.19
CA THR B 238 13.88 12.31 -17.72
C THR B 238 14.45 13.67 -18.07
N SER B 239 13.66 14.48 -18.78
CA SER B 239 14.10 15.82 -19.16
C SER B 239 12.88 16.68 -19.42
N GLY B 240 13.13 17.99 -19.53
CA GLY B 240 12.09 18.94 -19.87
C GLY B 240 11.07 19.14 -18.76
N ASP B 241 9.86 19.54 -19.16
CA ASP B 241 8.78 19.71 -18.20
C ASP B 241 8.34 18.39 -17.60
N PHE B 242 8.51 17.29 -18.34
CA PHE B 242 8.20 15.98 -17.79
C PHE B 242 9.06 15.68 -16.58
N ARG B 243 10.35 16.01 -16.64
CA ARG B 243 11.22 15.86 -15.48
C ARG B 243 10.74 16.72 -14.32
N LYS B 244 10.38 17.97 -14.59
CA LYS B 244 9.99 18.87 -13.50
C LYS B 244 8.71 18.40 -12.82
N LEU B 245 7.77 17.87 -13.59
CA LEU B 245 6.54 17.34 -12.99
C LEU B 245 6.83 16.09 -12.17
N MET B 246 7.64 15.16 -12.72
CA MET B 246 7.95 13.94 -12.00
C MET B 246 8.74 14.22 -10.73
N VAL B 247 9.68 15.17 -10.78
CA VAL B 247 10.46 15.49 -9.60
C VAL B 247 9.59 16.13 -8.53
N ALA B 248 8.70 17.04 -8.92
CA ALA B 248 7.81 17.68 -7.96
C ALA B 248 6.89 16.67 -7.29
N LEU B 249 6.26 15.80 -8.09
CA LEU B 249 5.37 14.79 -7.53
C LEU B 249 6.11 13.84 -6.60
N ALA B 250 7.30 13.41 -7.00
CA ALA B 250 8.05 12.42 -6.23
C ALA B 250 8.49 12.93 -4.86
N LYS B 251 8.45 14.25 -4.65
CA LYS B 251 8.83 14.80 -3.35
C LYS B 251 7.84 14.42 -2.26
N GLY B 252 6.58 14.18 -2.63
CA GLY B 252 5.58 13.77 -1.65
C GLY B 252 5.27 14.82 -0.61
N ARG B 253 5.23 16.09 -1.02
CA ARG B 253 4.94 17.20 -0.13
C ARG B 253 3.67 17.92 -0.56
N ARG B 254 2.71 17.16 -1.07
CA ARG B 254 1.41 17.73 -1.39
C ARG B 254 0.74 18.23 -0.11
N ALA B 255 -0.01 19.31 -0.23
CA ALA B 255 -0.73 19.83 0.93
C ALA B 255 -1.70 18.77 1.44
N GLU B 256 -1.75 18.62 2.76
CA GLU B 256 -2.66 17.67 3.36
C GLU B 256 -4.09 18.22 3.33
N ASP B 257 -5.04 17.30 3.36
CA ASP B 257 -6.48 17.68 3.31
C ASP B 257 -6.84 18.46 4.57
N GLY B 258 -7.10 19.75 4.42
CA GLY B 258 -7.45 20.59 5.54
C GLY B 258 -8.91 20.44 5.94
N SER B 259 -9.26 21.11 7.04
CA SER B 259 -10.62 21.03 7.56
C SER B 259 -11.57 21.92 6.77
N VAL B 260 -11.11 23.07 6.32
CA VAL B 260 -11.96 24.04 5.64
C VAL B 260 -11.75 23.92 4.14
N ILE B 261 -12.81 24.24 3.39
CA ILE B 261 -12.78 24.26 1.94
C ILE B 261 -12.50 25.69 1.50
N ASP B 262 -11.43 25.88 0.74
CA ASP B 262 -10.99 27.22 0.33
C ASP B 262 -11.62 27.53 -1.03
N TYR B 263 -12.86 28.00 -0.99
CA TYR B 263 -13.62 28.24 -2.21
C TYR B 263 -12.99 29.34 -3.06
N GLU B 264 -12.46 30.39 -2.42
CA GLU B 264 -11.83 31.45 -3.19
C GLU B 264 -10.63 30.92 -3.98
N LEU B 265 -9.83 30.05 -3.35
CA LEU B 265 -8.68 29.49 -4.04
C LEU B 265 -9.09 28.46 -5.08
N ILE B 266 -10.19 27.76 -4.84
CA ILE B 266 -10.72 26.83 -5.83
C ILE B 266 -11.03 27.57 -7.13
N ASP B 267 -11.73 28.70 -7.03
CA ASP B 267 -12.06 29.48 -8.21
C ASP B 267 -10.82 30.07 -8.86
N GLN B 268 -9.87 30.56 -8.06
CA GLN B 268 -8.68 31.17 -8.64
C GLN B 268 -7.80 30.15 -9.33
N ASP B 269 -7.64 28.96 -8.74
CA ASP B 269 -6.89 27.89 -9.40
C ASP B 269 -7.54 27.51 -10.72
N ALA B 270 -8.87 27.43 -10.76
CA ALA B 270 -9.57 27.08 -11.99
C ALA B 270 -9.30 28.11 -13.08
N ARG B 271 -9.38 29.40 -12.74
CA ARG B 271 -9.05 30.44 -13.71
C ARG B 271 -7.60 30.38 -14.13
N ASP B 272 -6.70 30.14 -13.17
CA ASP B 272 -5.27 30.08 -13.48
C ASP B 272 -4.97 28.92 -14.42
N LEU B 273 -5.59 27.76 -14.19
CA LEU B 273 -5.42 26.63 -15.10
C LEU B 273 -5.94 26.97 -16.50
N TYR B 274 -7.04 27.71 -16.56
CA TYR B 274 -7.60 28.12 -17.85
C TYR B 274 -6.70 29.14 -18.53
N ASP B 275 -6.25 30.16 -17.79
CA ASP B 275 -5.39 31.18 -18.37
C ASP B 275 -4.07 30.60 -18.87
N ALA B 276 -3.57 29.56 -18.20
CA ALA B 276 -2.27 28.98 -18.53
C ALA B 276 -2.31 28.05 -19.73
N GLY B 277 -3.49 27.65 -20.17
CA GLY B 277 -3.57 26.67 -21.25
C GLY B 277 -4.49 27.07 -22.37
N VAL B 278 -5.77 26.71 -22.23
CA VAL B 278 -6.73 26.86 -23.32
C VAL B 278 -6.86 28.32 -23.76
N LYS B 279 -6.62 29.27 -22.86
CA LYS B 279 -6.86 30.67 -23.19
C LYS B 279 -5.72 31.31 -23.98
N ARG B 280 -4.50 30.79 -23.89
CA ARG B 280 -3.35 31.39 -24.54
C ARG B 280 -2.77 30.45 -25.60
N LYS B 281 -1.95 31.02 -26.48
CA LYS B 281 -1.17 30.21 -27.40
C LYS B 281 -0.07 29.51 -26.63
N GLY B 282 0.06 28.20 -26.83
CA GLY B 282 0.99 27.44 -26.02
C GLY B 282 0.44 27.18 -24.63
N THR B 283 1.34 26.82 -23.72
CA THR B 283 0.95 26.43 -22.39
C THR B 283 1.95 26.98 -21.37
N ASP B 284 1.42 27.44 -20.24
CA ASP B 284 2.24 27.83 -19.09
C ASP B 284 2.38 26.59 -18.20
N VAL B 285 3.25 25.68 -18.63
CA VAL B 285 3.37 24.39 -17.96
C VAL B 285 3.79 24.53 -16.49
N PRO B 286 4.73 25.41 -16.13
CA PRO B 286 5.03 25.56 -14.69
C PRO B 286 3.82 25.88 -13.83
N LYS B 287 2.87 26.67 -14.35
CA LYS B 287 1.67 26.98 -13.58
C LYS B 287 0.83 25.73 -13.36
N TRP B 288 0.68 24.89 -14.39
CA TRP B 288 -0.04 23.63 -14.23
C TRP B 288 0.65 22.73 -13.21
N ILE B 289 1.98 22.65 -13.27
CA ILE B 289 2.71 21.79 -12.34
C ILE B 289 2.51 22.26 -10.91
N SER B 290 2.61 23.57 -10.68
CA SER B 290 2.48 24.10 -9.33
C SER B 290 1.11 23.78 -8.73
N ILE B 291 0.05 24.05 -9.48
CA ILE B 291 -1.31 23.86 -8.96
C ILE B 291 -1.59 22.38 -8.73
N MET B 292 -1.20 21.53 -9.67
CA MET B 292 -1.59 20.12 -9.58
C MET B 292 -0.69 19.30 -8.65
N THR B 293 0.47 19.82 -8.26
CA THR B 293 1.32 19.10 -7.30
C THR B 293 1.21 19.63 -5.87
N GLU B 294 0.82 20.89 -5.69
CA GLU B 294 0.83 21.50 -4.36
C GLU B 294 -0.50 21.42 -3.63
N ARG B 295 -1.62 21.53 -4.35
CA ARG B 295 -2.92 21.54 -3.70
C ARG B 295 -3.33 20.14 -3.27
N SER B 296 -4.15 20.06 -2.23
CA SER B 296 -4.64 18.77 -1.75
C SER B 296 -5.56 18.13 -2.81
N VAL B 297 -5.75 16.83 -2.68
CA VAL B 297 -6.57 16.08 -3.62
C VAL B 297 -8.02 16.53 -3.57
N PRO B 298 -8.67 16.65 -2.39
CA PRO B 298 -10.06 17.16 -2.38
C PRO B 298 -10.18 18.56 -2.96
N HIS B 299 -9.18 19.42 -2.75
CA HIS B 299 -9.21 20.75 -3.34
C HIS B 299 -9.17 20.67 -4.85
N LEU B 300 -8.26 19.86 -5.40
CA LEU B 300 -8.12 19.75 -6.85
C LEU B 300 -9.35 19.13 -7.49
N GLN B 301 -10.03 18.22 -6.79
CA GLN B 301 -11.29 17.68 -7.33
C GLN B 301 -12.30 18.79 -7.56
N LYS B 302 -12.40 19.73 -6.61
CA LYS B 302 -13.31 20.85 -6.79
C LYS B 302 -12.79 21.84 -7.82
N VAL B 303 -11.47 22.00 -7.91
CA VAL B 303 -10.89 22.87 -8.92
C VAL B 303 -11.26 22.37 -10.32
N PHE B 304 -11.13 21.07 -10.56
CA PHE B 304 -11.40 20.53 -11.88
C PHE B 304 -12.87 20.68 -12.26
N ASP B 305 -13.79 20.64 -11.29
CA ASP B 305 -15.20 20.89 -11.59
CA ASP B 305 -15.19 20.89 -11.61
C ASP B 305 -15.44 22.38 -11.85
N ARG B 306 -14.85 23.25 -11.04
CA ARG B 306 -14.99 24.69 -11.26
C ARG B 306 -14.37 25.10 -12.58
N TYR B 307 -13.33 24.37 -13.00
CA TYR B 307 -12.70 24.60 -14.30
C TYR B 307 -13.70 24.43 -15.44
N LYS B 308 -14.65 23.49 -15.30
CA LYS B 308 -15.67 23.30 -16.32
C LYS B 308 -16.56 24.54 -16.49
N SER B 309 -16.62 25.41 -15.48
CA SER B 309 -17.43 26.61 -15.60
C SER B 309 -16.78 27.64 -16.51
N TYR B 310 -15.45 27.62 -16.61
CA TYR B 310 -14.70 28.59 -17.42
C TYR B 310 -14.30 28.04 -18.78
N SER B 311 -13.95 26.76 -18.85
CA SER B 311 -13.44 26.21 -20.11
C SER B 311 -14.51 25.42 -20.84
N PRO B 312 -14.54 25.49 -22.17
CA PRO B 312 -15.46 24.63 -22.93
C PRO B 312 -15.09 23.16 -22.86
N TYR B 313 -13.85 22.82 -22.51
CA TYR B 313 -13.38 21.46 -22.38
C TYR B 313 -12.98 21.17 -20.94
N ASP B 314 -13.20 19.95 -20.49
CA ASP B 314 -12.82 19.59 -19.12
C ASP B 314 -11.30 19.43 -19.04
N MET B 315 -10.82 19.11 -17.83
CA MET B 315 -9.37 19.12 -17.61
C MET B 315 -8.66 18.08 -18.48
N LEU B 316 -9.23 16.88 -18.58
CA LEU B 316 -8.60 15.83 -19.39
C LEU B 316 -8.54 16.23 -20.85
N GLU B 317 -9.66 16.68 -21.42
CA GLU B 317 -9.64 17.12 -22.82
C GLU B 317 -8.73 18.30 -23.03
N SER B 318 -8.61 19.19 -22.02
CA SER B 318 -7.70 20.31 -22.14
C SER B 318 -6.25 19.85 -22.20
N ILE B 319 -5.90 18.85 -21.39
CA ILE B 319 -4.53 18.31 -21.44
C ILE B 319 -4.22 17.78 -22.83
N ARG B 320 -5.15 17.01 -23.40
CA ARG B 320 -4.90 16.41 -24.72
C ARG B 320 -4.71 17.48 -25.80
N LYS B 321 -5.41 18.60 -25.69
CA LYS B 321 -5.27 19.66 -26.67
C LYS B 321 -4.04 20.53 -26.46
N GLU B 322 -3.49 20.56 -25.24
CA GLU B 322 -2.42 21.48 -24.91
C GLU B 322 -1.03 20.88 -25.02
N VAL B 323 -0.82 19.65 -24.54
CA VAL B 323 0.51 19.07 -24.46
C VAL B 323 0.51 17.70 -25.14
N LYS B 324 1.72 17.17 -25.34
CA LYS B 324 1.90 15.92 -26.07
C LYS B 324 2.95 15.07 -25.36
N GLY B 325 3.08 13.83 -25.82
CA GLY B 325 4.19 12.98 -25.40
C GLY B 325 4.09 12.50 -23.96
N ASP B 326 5.26 12.34 -23.35
CA ASP B 326 5.31 11.86 -21.96
C ASP B 326 4.67 12.86 -21.01
N LEU B 327 4.84 14.16 -21.28
CA LEU B 327 4.23 15.17 -20.43
C LEU B 327 2.71 15.06 -20.42
N GLU B 328 2.12 14.87 -21.61
CA GLU B 328 0.67 14.69 -21.68
C GLU B 328 0.23 13.44 -20.93
N ASN B 329 0.94 12.33 -21.12
CA ASN B 329 0.55 11.10 -20.43
C ASN B 329 0.65 11.28 -18.93
N ALA B 330 1.66 12.02 -18.46
CA ALA B 330 1.81 12.28 -17.03
C ALA B 330 0.62 13.07 -16.48
N PHE B 331 0.25 14.17 -17.16
CA PHE B 331 -0.87 14.97 -16.68
C PHE B 331 -2.17 14.17 -16.73
N LEU B 332 -2.39 13.39 -17.78
CA LEU B 332 -3.62 12.59 -17.89
C LEU B 332 -3.72 11.58 -16.75
N ASN B 333 -2.61 10.88 -16.46
CA ASN B 333 -2.62 9.93 -15.35
C ASN B 333 -2.84 10.64 -14.02
N LEU B 334 -2.18 11.79 -13.83
CA LEU B 334 -2.28 12.50 -12.57
C LEU B 334 -3.72 12.96 -12.31
N VAL B 335 -4.37 13.54 -13.32
CA VAL B 335 -5.72 14.03 -13.12
C VAL B 335 -6.67 12.89 -12.82
N GLN B 336 -6.51 11.74 -13.50
CA GLN B 336 -7.34 10.59 -13.19
C GLN B 336 -7.13 10.13 -11.75
N CYS B 337 -5.88 10.07 -11.30
CA CYS B 337 -5.61 9.67 -9.91
C CYS B 337 -6.26 10.63 -8.92
N ILE B 338 -6.32 11.91 -9.27
CA ILE B 338 -6.96 12.89 -8.40
C ILE B 338 -8.47 12.71 -8.41
N GLN B 339 -9.06 12.53 -9.59
CA GLN B 339 -10.51 12.49 -9.70
C GLN B 339 -11.08 11.19 -9.14
N ASN B 340 -10.46 10.06 -9.48
CA ASN B 340 -11.02 8.76 -9.08
C ASN B 340 -9.91 7.72 -9.31
N LYS B 341 -9.12 7.49 -8.26
CA LYS B 341 -7.97 6.60 -8.35
C LYS B 341 -8.36 5.14 -8.55
N PRO B 342 -9.41 4.63 -7.87
CA PRO B 342 -9.83 3.24 -8.17
C PRO B 342 -10.26 3.05 -9.61
N LEU B 343 -10.95 4.04 -10.18
CA LEU B 343 -11.31 3.96 -11.59
C LEU B 343 -10.08 4.07 -12.48
N TYR B 344 -9.09 4.86 -12.06
CA TYR B 344 -7.83 4.92 -12.79
C TYR B 344 -7.22 3.53 -12.93
N PHE B 345 -7.17 2.77 -11.82
CA PHE B 345 -6.56 1.45 -11.87
C PHE B 345 -7.46 0.45 -12.59
N ALA B 346 -8.79 0.58 -12.41
CA ALA B 346 -9.71 -0.25 -13.18
C ALA B 346 -9.49 -0.09 -14.67
N ASP B 347 -9.28 1.14 -15.14
CA ASP B 347 -9.06 1.38 -16.57
C ASP B 347 -7.71 0.82 -17.01
N ARG B 348 -6.68 0.94 -16.17
CA ARG B 348 -5.38 0.39 -16.54
C ARG B 348 -5.41 -1.13 -16.58
N LEU B 349 -6.13 -1.75 -15.62
CA LEU B 349 -6.29 -3.20 -15.67
C LEU B 349 -7.00 -3.63 -16.96
N TYR B 350 -8.06 -2.90 -17.35
CA TYR B 350 -8.77 -3.23 -18.57
C TYR B 350 -7.85 -3.13 -19.79
N ASP B 351 -7.11 -2.02 -19.89
CA ASP B 351 -6.17 -1.87 -21.00
C ASP B 351 -5.12 -2.98 -21.00
N SER B 352 -4.74 -3.48 -19.82
CA SER B 352 -3.71 -4.50 -19.78
C SER B 352 -4.19 -5.85 -20.32
N MET B 353 -5.51 -6.06 -20.40
CA MET B 353 -6.04 -7.35 -20.82
C MET B 353 -6.94 -7.29 -22.06
N LYS B 354 -7.45 -6.11 -22.43
CA LYS B 354 -8.55 -6.05 -23.39
C LYS B 354 -8.17 -6.62 -24.75
N GLY B 355 -6.92 -6.44 -25.18
CA GLY B 355 -6.50 -6.79 -26.52
C GLY B 355 -5.75 -8.11 -26.60
N LYS B 356 -5.06 -8.30 -27.71
CA LYS B 356 -4.27 -9.50 -27.92
C LYS B 356 -3.24 -9.65 -26.81
N GLY B 357 -3.12 -10.86 -26.27
CA GLY B 357 -2.19 -11.11 -25.19
C GLY B 357 -2.50 -10.30 -23.93
N THR B 358 -1.47 -10.11 -23.12
CA THR B 358 -1.61 -9.47 -21.81
C THR B 358 -0.39 -8.60 -21.54
N ARG B 359 -0.62 -7.41 -20.98
CA ARG B 359 0.45 -6.58 -20.47
C ARG B 359 0.73 -7.00 -19.03
N ASP B 360 1.40 -8.14 -18.90
CA ASP B 360 1.52 -8.81 -17.60
C ASP B 360 2.21 -7.93 -16.57
N LYS B 361 3.20 -7.14 -17.00
CA LYS B 361 3.92 -6.28 -16.05
C LYS B 361 2.96 -5.34 -15.33
N VAL B 362 2.04 -4.71 -16.07
CA VAL B 362 1.11 -3.76 -15.47
C VAL B 362 0.07 -4.51 -14.64
N LEU B 363 -0.48 -5.59 -15.19
CA LEU B 363 -1.48 -6.37 -14.47
C LEU B 363 -0.94 -6.85 -13.13
N ILE B 364 0.27 -7.41 -13.14
CA ILE B 364 0.85 -7.93 -11.90
C ILE B 364 1.10 -6.81 -10.91
N ARG B 365 1.68 -5.69 -11.39
CA ARG B 365 2.03 -4.61 -10.48
C ARG B 365 0.79 -4.04 -9.79
N ILE B 366 -0.32 -3.93 -10.51
CA ILE B 366 -1.53 -3.38 -9.89
C ILE B 366 -2.12 -4.37 -8.90
N MET B 367 -2.19 -5.66 -9.27
CA MET B 367 -2.78 -6.64 -8.37
C MET B 367 -1.97 -6.79 -7.08
N VAL B 368 -0.64 -6.69 -7.18
CA VAL B 368 0.19 -6.77 -5.98
C VAL B 368 0.07 -5.50 -5.15
N SER B 369 0.21 -4.33 -5.79
CA SER B 369 0.35 -3.10 -5.03
C SER B 369 -0.98 -2.57 -4.50
N ARG B 370 -2.11 -2.87 -5.15
CA ARG B 370 -3.40 -2.37 -4.68
C ARG B 370 -4.17 -3.39 -3.85
N SER B 371 -3.65 -4.61 -3.69
CA SER B 371 -4.41 -5.67 -3.04
C SER B 371 -4.75 -5.34 -1.58
N GLU B 372 -3.90 -4.57 -0.90
CA GLU B 372 -4.16 -4.17 0.47
C GLU B 372 -4.48 -2.69 0.61
N VAL B 373 -4.85 -2.04 -0.47
CA VAL B 373 -5.19 -0.62 -0.42
C VAL B 373 -6.65 -0.41 -0.79
N ASP B 374 -6.98 -0.57 -2.08
CA ASP B 374 -8.33 -0.22 -2.54
C ASP B 374 -8.84 -1.18 -3.61
N MET B 375 -8.36 -2.42 -3.61
CA MET B 375 -8.79 -3.39 -4.62
C MET B 375 -10.31 -3.56 -4.64
N LEU B 376 -10.97 -3.45 -3.49
CA LEU B 376 -12.42 -3.60 -3.48
C LEU B 376 -13.10 -2.46 -4.24
N LYS B 377 -12.57 -1.23 -4.13
CA LYS B 377 -13.12 -0.13 -4.91
C LYS B 377 -12.79 -0.27 -6.39
N ILE B 378 -11.55 -0.67 -6.70
CA ILE B 378 -11.17 -0.96 -8.07
C ILE B 378 -12.16 -1.93 -8.70
N ARG B 379 -12.48 -3.01 -7.97
CA ARG B 379 -13.41 -4.02 -8.48
C ARG B 379 -14.79 -3.43 -8.73
N SER B 380 -15.26 -2.57 -7.81
CA SER B 380 -16.57 -1.94 -7.99
C SER B 380 -16.60 -1.08 -9.25
N GLU B 381 -15.61 -0.21 -9.40
CA GLU B 381 -15.54 0.63 -10.60
C GLU B 381 -15.41 -0.22 -11.85
N PHE B 382 -14.62 -1.28 -11.79
CA PHE B 382 -14.43 -2.15 -12.95
C PHE B 382 -15.75 -2.78 -13.38
N LYS B 383 -16.46 -3.41 -12.45
CA LYS B 383 -17.71 -4.07 -12.79
C LYS B 383 -18.76 -3.08 -13.26
N ARG B 384 -18.80 -1.90 -12.66
CA ARG B 384 -19.76 -0.88 -13.03
C ARG B 384 -19.54 -0.40 -14.47
N LYS B 385 -18.28 -0.24 -14.87
CA LYS B 385 -18.00 0.32 -16.19
C LYS B 385 -18.01 -0.75 -17.28
N TYR B 386 -17.39 -1.90 -17.03
CA TYR B 386 -17.18 -2.90 -18.06
C TYR B 386 -18.22 -4.01 -18.05
N GLY B 387 -19.13 -4.03 -17.08
CA GLY B 387 -20.22 -4.99 -17.07
C GLY B 387 -19.87 -6.38 -16.58
N LYS B 388 -18.61 -6.79 -16.66
CA LYS B 388 -18.15 -8.04 -16.08
C LYS B 388 -17.08 -7.73 -15.04
N SER B 389 -16.85 -8.68 -14.15
CA SER B 389 -15.95 -8.43 -13.03
C SER B 389 -14.50 -8.48 -13.47
N LEU B 390 -13.63 -7.88 -12.65
CA LEU B 390 -12.19 -8.03 -12.85
C LEU B 390 -11.77 -9.49 -12.79
N TYR B 391 -12.39 -10.25 -11.88
CA TYR B 391 -12.19 -11.68 -11.79
C TYR B 391 -12.39 -12.37 -13.14
N TYR B 392 -13.50 -12.05 -13.81
CA TYR B 392 -13.78 -12.64 -15.11
C TYR B 392 -12.69 -12.31 -16.13
N TYR B 393 -12.26 -11.04 -16.19
CA TYR B 393 -11.25 -10.66 -17.17
C TYR B 393 -9.93 -11.37 -16.91
N ILE B 394 -9.53 -11.49 -15.64
CA ILE B 394 -8.30 -12.22 -15.31
C ILE B 394 -8.42 -13.68 -15.75
N GLN B 395 -9.61 -14.27 -15.60
CA GLN B 395 -9.80 -15.66 -16.00
C GLN B 395 -9.55 -15.85 -17.49
N GLN B 396 -9.98 -14.91 -18.31
CA GLN B 396 -9.86 -15.05 -19.76
C GLN B 396 -8.47 -14.76 -20.28
N ASP B 397 -7.63 -14.04 -19.52
CA ASP B 397 -6.33 -13.62 -20.01
C ASP B 397 -5.15 -14.38 -19.43
N THR B 398 -5.33 -15.09 -18.32
CA THR B 398 -4.24 -15.80 -17.68
C THR B 398 -4.64 -17.24 -17.44
N LYS B 399 -3.61 -18.04 -17.17
CA LYS B 399 -3.82 -19.48 -16.97
C LYS B 399 -2.90 -20.06 -15.90
N GLY B 400 -3.20 -21.26 -15.44
CA GLY B 400 -2.32 -21.98 -14.53
C GLY B 400 -2.31 -21.42 -13.12
N ASP B 401 -1.20 -21.68 -12.41
CA ASP B 401 -1.05 -21.16 -11.06
C ASP B 401 -0.86 -19.65 -11.05
N TYR B 402 -0.38 -19.09 -12.17
CA TYR B 402 -0.34 -17.64 -12.32
C TYR B 402 -1.74 -17.06 -12.23
N GLN B 403 -2.69 -17.65 -12.96
CA GLN B 403 -4.07 -17.20 -12.87
C GLN B 403 -4.61 -17.30 -11.45
N LYS B 404 -4.39 -18.45 -10.80
CA LYS B 404 -4.95 -18.66 -9.46
C LYS B 404 -4.40 -17.63 -8.47
N ALA B 405 -3.11 -17.29 -8.59
CA ALA B 405 -2.53 -16.27 -7.71
C ALA B 405 -3.20 -14.92 -7.92
N LEU B 406 -3.41 -14.53 -9.18
CA LEU B 406 -4.07 -13.25 -9.46
C LEU B 406 -5.51 -13.27 -8.97
N LEU B 407 -6.20 -14.40 -9.10
CA LEU B 407 -7.58 -14.48 -8.63
C LEU B 407 -7.65 -14.34 -7.12
N TYR B 408 -6.70 -14.94 -6.40
CA TYR B 408 -6.63 -14.75 -4.95
C TYR B 408 -6.39 -13.29 -4.61
N LEU B 409 -5.51 -12.62 -5.35
CA LEU B 409 -5.26 -11.20 -5.09
C LEU B 409 -6.48 -10.36 -5.43
N CYS B 410 -7.20 -10.73 -6.48
CA CYS B 410 -8.47 -10.08 -6.78
C CYS B 410 -9.43 -10.19 -5.61
N GLY B 411 -9.51 -11.37 -5.00
CA GLY B 411 -10.32 -11.60 -3.83
C GLY B 411 -11.65 -12.27 -4.09
N GLY B 412 -12.14 -12.22 -5.31
CA GLY B 412 -13.39 -12.90 -5.64
C GLY B 412 -14.12 -12.18 -6.75
N ASP B 413 -15.29 -12.73 -7.07
CA ASP B 413 -16.13 -12.27 -8.17
C ASP B 413 -17.02 -11.11 -7.73
N ASP B 414 -17.57 -10.41 -8.72
CA ASP B 414 -18.49 -9.31 -8.47
C ASP B 414 -19.74 -9.48 -9.32
CA CA C . 4.82 -28.36 -10.36
CA CA D . 13.59 -18.00 -11.34
CA CA E . 17.77 4.47 -18.49
CA CA F . -2.94 26.90 -25.29
CA CA G . -6.04 -10.16 -23.62
C1 GOL H . 2.40 2.04 -1.37
O1 GOL H . 3.78 2.12 -1.59
C2 GOL H . 1.81 1.16 -2.48
O2 GOL H . 1.71 -0.17 -2.10
C3 GOL H . 0.43 1.78 -2.81
O3 GOL H . -0.17 0.90 -3.71
C1 GOL I . -1.65 11.86 -4.25
O1 GOL I . -0.97 12.74 -3.41
C2 GOL I . -1.87 12.59 -5.60
O2 GOL I . -0.68 12.78 -6.29
C3 GOL I . -2.87 11.71 -6.38
O3 GOL I . -2.28 10.46 -6.53
#